data_1JX4
#
_entry.id   1JX4
#
_cell.length_a   97.090
_cell.length_b   102.820
_cell.length_c   52.300
_cell.angle_alpha   90.00
_cell.angle_beta   90.00
_cell.angle_gamma   90.00
#
_symmetry.space_group_name_H-M   'P 21 21 2'
#
loop_
_entity.id
_entity.type
_entity.pdbx_description
1 polymer "5'-D(*GP*GP*GP*GP*GP*AP*AP*GP*GP*AP*CP*TP*A)-3'"
2 polymer "5'-D(*T*TP*CP*AP*TP*TP*AP*GP*TP*CP*CP*TP*TP*CP*CP*CP*CP*C)-3'"
3 polymer 'DNA polymerase IV (family Y)'
4 non-polymer 'CALCIUM ION'
5 non-polymer 'MAGNESIUM ION'
6 non-polymer "2',3'-DIDEOXYADENOSINE-5'-DIPHOSPHATE"
7 water water
#
loop_
_entity_poly.entity_id
_entity_poly.type
_entity_poly.pdbx_seq_one_letter_code
_entity_poly.pdbx_strand_id
1 'polydeoxyribonucleotide' (DG)(DG)(DG)(DG)(DG)(DA)(DA)(DG)(DG)(DA)(DC)(DT)(DA) P
2 'polydeoxyribonucleotide' (DT)(DT)(DC)(DA)(DT)(DT)(DA)(DG)(DT)(DC)(DC)(DT)(DT)(DC)(DC)(DC)(DC)(DC) T
3 'polypeptide(L)'
;(MSE)IVLFVDFDYFYAQVEEVLNPSLKGKPVVVCVFSGRFEDSGAVATANYEARKFGVKAGIPIVEAKKILPNAVYLP
(MSE)RKEVYQQVSSRI(MSE)NLLREYSEKIEIASIDEAYLDISDKVRDYREAYNLGLEIKNKILEKEKITVTVGISKN
KVFAKIAAD(MSE)AKPNGIKVIDDEEVKRLIRELDIADVPGIGNITAEKLKKLGINKLVDTLSIEFDKLKG(MSE)IGE
AKAKYLISLARDEYNEPIRTRVRKSIGRIVT(MSE)KRNSRNLEEIKPYLFRAIEESYYKLDKRIPKAIHVVAVTEDLDI
VSRGRTFPHGISKETAYSESVKLLQKILEEDERKIRRIGVRFSKFIEAIGLDKFFDT
;
A
#
loop_
_chem_comp.id
_chem_comp.type
_chem_comp.name
_chem_comp.formula
ADI non-polymer 2',3'-DIDEOXYADENOSINE-5'-DIPHOSPHATE 'C10 H15 N5 O8 P2'
CA non-polymer 'CALCIUM ION' 'Ca 2'
DA DNA linking 2'-DEOXYADENOSINE-5'-MONOPHOSPHATE 'C10 H14 N5 O6 P'
DC DNA linking 2'-DEOXYCYTIDINE-5'-MONOPHOSPHATE 'C9 H14 N3 O7 P'
DG DNA linking 2'-DEOXYGUANOSINE-5'-MONOPHOSPHATE 'C10 H14 N5 O7 P'
DT DNA linking THYMIDINE-5'-MONOPHOSPHATE 'C10 H15 N2 O8 P'
MG non-polymer 'MAGNESIUM ION' 'Mg 2'
#
# COMPACT_ATOMS: atom_id res chain seq x y z
N MSE C 1 -12.84 4.96 21.69
N MSE C 1 -12.91 4.91 21.74
CA MSE C 1 -13.11 4.78 20.24
CA MSE C 1 -13.11 4.74 20.27
C MSE C 1 -13.12 3.28 19.90
C MSE C 1 -13.13 3.26 19.90
O MSE C 1 -12.45 2.48 20.55
O MSE C 1 -12.45 2.44 20.51
CB MSE C 1 -12.02 5.52 19.42
CB MSE C 1 -11.98 5.44 19.50
CG MSE C 1 -12.10 5.56 17.89
CG MSE C 1 -12.03 5.39 17.98
SE MSE C 1 -10.94 7.03 17.33
SE MSE C 1 -10.51 6.42 17.19
CE MSE C 1 -9.24 6.15 17.83
CE MSE C 1 -10.28 5.47 15.65
N ILE C 2 -13.93 2.92 18.90
CA ILE C 2 -13.98 1.55 18.41
C ILE C 2 -13.74 1.72 16.91
N VAL C 3 -12.67 1.10 16.42
CA VAL C 3 -12.30 1.18 15.01
C VAL C 3 -12.51 -0.18 14.41
N LEU C 4 -13.12 -0.20 13.23
CA LEU C 4 -13.36 -1.43 12.46
C LEU C 4 -12.66 -1.19 11.15
N PHE C 5 -11.67 -2.07 10.86
CA PHE C 5 -10.81 -2.03 9.68
C PHE C 5 -11.23 -3.17 8.76
N VAL C 6 -11.33 -2.89 7.47
CA VAL C 6 -11.73 -3.89 6.48
C VAL C 6 -10.57 -4.04 5.53
N ASP C 7 -10.15 -5.28 5.29
CA ASP C 7 -8.99 -5.53 4.44
C ASP C 7 -9.44 -6.64 3.46
N PHE C 8 -9.58 -6.30 2.18
CA PHE C 8 -10.07 -7.30 1.23
C PHE C 8 -9.04 -8.43 1.06
N ASP C 9 -9.53 -9.66 0.94
CA ASP C 9 -8.57 -10.77 0.84
C ASP C 9 -7.90 -10.92 -0.53
N TYR C 10 -6.59 -11.13 -0.53
CA TYR C 10 -5.78 -11.30 -1.74
C TYR C 10 -6.47 -10.63 -2.91
N PHE C 11 -6.77 -9.35 -2.69
CA PHE C 11 -7.65 -8.67 -3.61
C PHE C 11 -7.59 -8.84 -5.11
N TYR C 12 -6.47 -8.54 -5.79
CA TYR C 12 -6.50 -8.61 -7.23
C TYR C 12 -6.75 -10.05 -7.72
N ALA C 13 -6.15 -11.00 -7.01
CA ALA C 13 -6.35 -12.39 -7.42
C ALA C 13 -7.78 -12.78 -7.13
N GLN C 14 -8.38 -12.32 -6.01
CA GLN C 14 -9.76 -12.68 -5.74
C GLN C 14 -10.71 -12.09 -6.78
N VAL C 15 -10.46 -10.86 -7.23
CA VAL C 15 -11.30 -10.29 -8.27
C VAL C 15 -11.22 -11.18 -9.53
N GLU C 16 -10.01 -11.61 -9.90
CA GLU C 16 -9.90 -12.46 -11.07
C GLU C 16 -10.73 -13.75 -10.90
N GLU C 17 -10.78 -14.31 -9.67
CA GLU C 17 -11.57 -15.53 -9.36
C GLU C 17 -13.06 -15.22 -9.46
N VAL C 18 -13.47 -14.01 -9.10
CA VAL C 18 -14.90 -13.71 -9.22
C VAL C 18 -15.28 -13.59 -10.70
N LEU C 19 -14.44 -12.96 -11.50
CA LEU C 19 -14.67 -12.82 -12.95
C LEU C 19 -14.47 -14.16 -13.73
N ASN C 20 -13.72 -15.11 -13.16
CA ASN C 20 -13.54 -16.43 -13.77
C ASN C 20 -13.47 -17.48 -12.67
N PRO C 21 -14.66 -17.91 -12.17
CA PRO C 21 -14.81 -18.91 -11.10
C PRO C 21 -14.08 -20.24 -11.34
N SER C 22 -13.77 -20.57 -12.57
CA SER C 22 -13.03 -21.86 -12.79
C SER C 22 -11.64 -21.75 -12.13
N LEU C 23 -11.20 -20.53 -11.81
CA LEU C 23 -9.90 -20.32 -11.13
C LEU C 23 -9.87 -20.70 -9.64
N LYS C 24 -11.05 -20.74 -9.02
CA LYS C 24 -11.13 -21.07 -7.59
C LYS C 24 -10.43 -22.38 -7.24
N GLY C 25 -9.72 -22.37 -6.12
CA GLY C 25 -9.03 -23.55 -5.68
C GLY C 25 -7.70 -23.78 -6.36
N LYS C 26 -7.41 -23.01 -7.42
CA LYS C 26 -6.14 -23.17 -8.11
C LYS C 26 -5.22 -22.00 -7.75
N PRO C 27 -3.88 -22.20 -7.83
CA PRO C 27 -2.96 -21.08 -7.53
C PRO C 27 -3.08 -20.08 -8.66
N VAL C 28 -3.27 -18.81 -8.28
CA VAL C 28 -3.47 -17.73 -9.23
C VAL C 28 -2.47 -16.66 -8.85
N VAL C 29 -1.65 -16.26 -9.81
CA VAL C 29 -0.62 -15.28 -9.57
C VAL C 29 -0.86 -14.03 -10.48
N VAL C 30 -1.08 -12.84 -9.91
CA VAL C 30 -1.31 -11.61 -10.72
C VAL C 30 0.03 -10.91 -10.81
N CYS C 31 0.48 -10.67 -12.03
CA CYS C 31 1.79 -10.14 -12.32
C CYS C 31 1.85 -8.82 -13.03
N VAL C 32 2.95 -8.14 -12.76
CA VAL C 32 3.23 -6.86 -13.39
C VAL C 32 4.38 -7.19 -14.35
N PHE C 33 4.03 -7.37 -15.61
CA PHE C 33 4.95 -7.72 -16.68
C PHE C 33 5.63 -6.42 -17.12
N SER C 34 6.95 -6.36 -17.02
CA SER C 34 7.66 -5.11 -17.37
C SER C 34 8.00 -4.91 -18.83
N GLY C 35 7.95 -5.99 -19.61
CA GLY C 35 8.23 -5.89 -21.03
C GLY C 35 9.69 -5.99 -21.46
N ARG C 36 10.63 -6.09 -20.52
CA ARG C 36 12.03 -6.20 -20.91
C ARG C 36 12.36 -7.50 -21.58
N PHE C 37 11.84 -8.58 -21.04
CA PHE C 37 12.09 -9.89 -21.64
C PHE C 37 10.95 -10.81 -21.24
N GLU C 38 11.02 -12.06 -21.72
CA GLU C 38 10.00 -13.07 -21.45
C GLU C 38 9.83 -13.27 -19.94
N ASP C 39 8.68 -12.84 -19.43
CA ASP C 39 8.34 -12.95 -18.01
C ASP C 39 9.08 -12.02 -17.08
N SER C 40 9.66 -10.95 -17.59
CA SER C 40 10.34 -10.01 -16.71
C SER C 40 9.21 -9.31 -15.99
N GLY C 41 9.43 -8.96 -14.73
CA GLY C 41 8.39 -8.31 -13.96
C GLY C 41 8.32 -8.92 -12.57
N ALA C 42 7.31 -8.55 -11.81
CA ALA C 42 7.23 -9.02 -10.47
C ALA C 42 5.78 -9.39 -10.20
N VAL C 43 5.57 -10.19 -9.16
CA VAL C 43 4.24 -10.60 -8.72
C VAL C 43 3.55 -9.48 -7.90
N ALA C 44 2.32 -9.11 -8.28
CA ALA C 44 1.60 -8.07 -7.50
C ALA C 44 0.94 -8.69 -6.34
N THR C 45 0.34 -9.86 -6.57
CA THR C 45 -0.27 -10.60 -5.51
C THR C 45 -0.63 -12.00 -5.98
N ALA C 46 -0.77 -12.91 -5.05
CA ALA C 46 -1.13 -14.26 -5.44
C ALA C 46 -2.20 -14.68 -4.44
N ASN C 47 -3.03 -15.65 -4.80
CA ASN C 47 -4.05 -16.09 -3.84
C ASN C 47 -3.41 -17.03 -2.82
N TYR C 48 -4.18 -17.49 -1.83
CA TYR C 48 -3.53 -18.27 -0.81
C TYR C 48 -3.01 -19.63 -1.28
N GLU C 49 -3.62 -20.21 -2.32
CA GLU C 49 -3.15 -21.51 -2.81
C GLU C 49 -1.73 -21.31 -3.33
N ALA C 50 -1.45 -20.15 -3.93
CA ALA C 50 -0.09 -19.85 -4.42
C ALA C 50 0.89 -19.50 -3.27
N ARG C 51 0.45 -18.68 -2.30
CA ARG C 51 1.30 -18.28 -1.18
C ARG C 51 1.78 -19.42 -0.30
N LYS C 52 0.92 -20.44 -0.15
CA LYS C 52 1.28 -21.60 0.65
C LYS C 52 2.61 -22.11 0.21
N PHE C 53 2.90 -21.93 -1.08
CA PHE C 53 4.15 -22.45 -1.63
C PHE C 53 5.26 -21.44 -1.75
N GLY C 54 5.05 -20.23 -1.25
CA GLY C 54 6.14 -19.26 -1.31
C GLY C 54 5.97 -18.27 -2.43
N VAL C 55 4.89 -18.35 -3.20
CA VAL C 55 4.71 -17.38 -4.31
C VAL C 55 3.92 -16.21 -3.71
N LYS C 56 4.56 -15.06 -3.64
CA LYS C 56 3.92 -13.91 -3.02
C LYS C 56 4.29 -12.58 -3.62
N ALA C 57 3.55 -11.53 -3.25
CA ALA C 57 3.82 -10.20 -3.77
C ALA C 57 5.29 -9.84 -3.69
N GLY C 58 5.84 -9.35 -4.78
CA GLY C 58 7.21 -8.85 -4.74
C GLY C 58 8.30 -9.66 -5.42
N ILE C 59 8.14 -10.98 -5.49
CA ILE C 59 9.17 -11.78 -6.10
C ILE C 59 9.06 -11.69 -7.60
N PRO C 60 10.18 -11.97 -8.28
CA PRO C 60 10.18 -11.94 -9.74
C PRO C 60 9.26 -13.02 -10.28
N ILE C 61 8.60 -12.71 -11.40
CA ILE C 61 7.69 -13.66 -12.04
C ILE C 61 8.50 -14.95 -12.39
N VAL C 62 9.72 -14.79 -12.89
CA VAL C 62 10.51 -15.99 -13.25
C VAL C 62 10.73 -16.88 -12.04
N GLU C 63 10.85 -16.30 -10.84
CA GLU C 63 11.06 -17.11 -9.67
C GLU C 63 9.77 -17.83 -9.29
N ALA C 64 8.64 -17.11 -9.37
CA ALA C 64 7.34 -17.71 -9.09
C ALA C 64 7.14 -18.95 -9.98
N LYS C 65 7.47 -18.83 -11.26
CA LYS C 65 7.29 -19.93 -12.19
C LYS C 65 8.21 -21.12 -11.90
N LYS C 66 9.35 -20.88 -11.28
CA LYS C 66 10.25 -22.00 -10.96
C LYS C 66 9.58 -22.79 -9.85
N ILE C 67 8.87 -22.09 -8.95
CA ILE C 67 8.18 -22.75 -7.83
C ILE C 67 6.86 -23.43 -8.26
N LEU C 68 6.00 -22.70 -9.00
CA LEU C 68 4.69 -23.22 -9.50
C LEU C 68 4.58 -23.03 -11.00
N PRO C 69 5.33 -23.85 -11.76
CA PRO C 69 5.21 -23.64 -13.21
C PRO C 69 3.82 -23.79 -13.80
N ASN C 70 2.92 -24.51 -13.12
CA ASN C 70 1.57 -24.72 -13.63
C ASN C 70 0.47 -23.83 -13.03
N ALA C 71 0.86 -22.83 -12.22
CA ALA C 71 -0.16 -21.93 -11.67
C ALA C 71 -0.71 -21.06 -12.80
N VAL C 72 -1.78 -20.34 -12.51
CA VAL C 72 -2.37 -19.47 -13.51
C VAL C 72 -1.71 -18.10 -13.34
N TYR C 73 -1.07 -17.61 -14.39
CA TYR C 73 -0.37 -16.31 -14.33
C TYR C 73 -1.17 -15.32 -15.12
N LEU C 74 -1.61 -14.24 -14.47
CA LEU C 74 -2.44 -13.25 -15.11
C LEU C 74 -1.84 -11.86 -14.99
N PRO C 75 -2.06 -11.05 -16.00
CA PRO C 75 -1.51 -9.68 -16.01
C PRO C 75 -2.41 -8.82 -15.14
N MSE C 76 -1.85 -7.88 -14.39
N MSE C 76 -1.81 -7.77 -14.62
CA MSE C 76 -2.60 -6.99 -13.47
CA MSE C 76 -2.55 -6.82 -13.80
C MSE C 76 -3.58 -6.13 -14.34
C MSE C 76 -3.67 -6.20 -14.59
O MSE C 76 -3.15 -5.59 -15.34
O MSE C 76 -3.47 -5.87 -15.75
CB MSE C 76 -1.60 -6.07 -12.78
CB MSE C 76 -1.72 -5.61 -13.40
CG MSE C 76 -1.75 -5.84 -11.24
CG MSE C 76 -0.82 -5.84 -12.33
SE MSE C 76 -1.00 -4.12 -10.68
SE MSE C 76 -1.88 -5.76 -10.75
CE MSE C 76 -0.47 -4.59 -8.86
CE MSE C 76 -2.76 -4.03 -10.93
N ARG C 77 -4.84 -6.05 -13.98
CA ARG C 77 -5.89 -5.26 -14.69
C ARG C 77 -6.36 -4.26 -13.62
N LYS C 78 -5.47 -3.32 -13.31
CA LYS C 78 -5.72 -2.33 -12.26
C LYS C 78 -7.07 -1.63 -12.35
N GLU C 79 -7.47 -1.18 -13.54
CA GLU C 79 -8.77 -0.45 -13.68
C GLU C 79 -9.93 -1.30 -13.25
N VAL C 80 -9.87 -2.59 -13.58
CA VAL C 80 -10.94 -3.50 -13.15
C VAL C 80 -10.96 -3.58 -11.63
N TYR C 81 -9.78 -3.74 -11.02
CA TYR C 81 -9.81 -3.94 -9.55
C TYR C 81 -10.23 -2.62 -8.91
N GLN C 82 -9.86 -1.54 -9.54
CA GLN C 82 -10.22 -0.23 -8.98
C GLN C 82 -11.74 -0.04 -9.06
N GLN C 83 -12.37 -0.45 -10.18
CA GLN C 83 -13.82 -0.29 -10.24
C GLN C 83 -14.46 -1.19 -9.23
N VAL C 84 -13.99 -2.43 -9.07
CA VAL C 84 -14.65 -3.26 -8.05
C VAL C 84 -14.42 -2.68 -6.64
N SER C 85 -13.21 -2.19 -6.41
CA SER C 85 -12.93 -1.62 -5.07
C SER C 85 -13.89 -0.44 -4.74
N SER C 86 -14.05 0.42 -5.71
CA SER C 86 -14.92 1.62 -5.54
C SER C 86 -16.31 1.17 -5.16
N ARG C 87 -16.84 0.12 -5.79
CA ARG C 87 -18.16 -0.37 -5.40
C ARG C 87 -18.19 -0.88 -3.98
N ILE C 88 -17.16 -1.60 -3.54
CA ILE C 88 -17.16 -2.11 -2.17
C ILE C 88 -17.03 -0.94 -1.17
N MSE C 89 -16.23 0.07 -1.52
CA MSE C 89 -16.05 1.21 -0.61
C MSE C 89 -17.40 1.91 -0.47
O MSE C 89 -17.71 2.40 0.61
CB MSE C 89 -15.02 2.22 -1.14
CG MSE C 89 -13.59 1.70 -1.19
SE MSE C 89 -13.01 0.88 0.54
CE MSE C 89 -11.20 0.25 -0.15
N ASN C 90 -18.23 1.92 -1.51
CA ASN C 90 -19.55 2.54 -1.39
C ASN C 90 -20.46 1.76 -0.45
N LEU C 91 -20.28 0.44 -0.37
CA LEU C 91 -21.07 -0.36 0.56
C LEU C 91 -20.69 0.01 1.99
N LEU C 92 -19.39 0.20 2.23
CA LEU C 92 -18.93 0.54 3.58
C LEU C 92 -19.46 1.89 4.11
N ARG C 93 -19.67 2.84 3.22
CA ARG C 93 -20.16 4.17 3.57
C ARG C 93 -21.50 4.11 4.29
N GLU C 94 -22.19 3.00 4.19
CA GLU C 94 -23.48 2.86 4.83
C GLU C 94 -23.40 2.56 6.33
N TYR C 95 -22.25 2.09 6.77
CA TYR C 95 -22.06 1.71 8.15
C TYR C 95 -21.42 2.79 9.04
N SER C 96 -20.94 3.88 8.42
CA SER C 96 -20.33 5.00 9.15
C SER C 96 -19.99 6.20 8.28
N GLU C 97 -20.21 7.43 8.76
CA GLU C 97 -19.87 8.63 7.98
C GLU C 97 -18.38 8.89 8.11
N LYS C 98 -17.79 8.35 9.17
CA LYS C 98 -16.37 8.53 9.42
C LYS C 98 -15.61 7.35 8.84
N ILE C 99 -15.09 7.49 7.62
CA ILE C 99 -14.35 6.42 6.94
C ILE C 99 -13.08 6.92 6.21
N GLU C 100 -12.00 6.19 6.44
CA GLU C 100 -10.70 6.49 5.89
C GLU C 100 -10.32 5.41 4.90
N ILE C 101 -10.41 5.72 3.62
CA ILE C 101 -10.04 4.74 2.63
C ILE C 101 -8.52 4.84 2.51
N ALA C 102 -7.83 3.86 3.07
CA ALA C 102 -6.37 3.85 3.11
C ALA C 102 -5.65 3.42 1.84
N SER C 103 -6.27 2.56 1.03
CA SER C 103 -5.66 2.10 -0.20
C SER C 103 -6.76 1.44 -1.04
N ILE C 104 -6.37 0.80 -2.14
CA ILE C 104 -7.38 0.17 -2.98
C ILE C 104 -8.11 -0.95 -2.23
N ASP C 105 -7.56 -1.50 -1.12
CA ASP C 105 -8.34 -2.55 -0.49
C ASP C 105 -8.40 -2.50 1.03
N GLU C 106 -8.22 -1.31 1.57
CA GLU C 106 -8.31 -1.18 3.02
C GLU C 106 -9.07 0.06 3.40
N ALA C 107 -9.93 -0.06 4.42
CA ALA C 107 -10.68 1.10 4.92
C ALA C 107 -10.87 1.02 6.44
N TYR C 108 -10.81 2.16 7.11
CA TYR C 108 -10.99 2.21 8.57
C TYR C 108 -12.28 2.91 8.77
N LEU C 109 -13.12 2.35 9.63
CA LEU C 109 -14.40 2.95 9.95
C LEU C 109 -14.37 3.22 11.44
N ASP C 110 -14.78 4.42 11.82
CA ASP C 110 -14.87 4.77 13.23
C ASP C 110 -16.34 4.48 13.54
N ILE C 111 -16.59 3.42 14.28
CA ILE C 111 -17.96 3.02 14.60
C ILE C 111 -18.35 3.28 16.06
N SER C 112 -17.55 4.12 16.71
CA SER C 112 -17.82 4.52 18.10
C SER C 112 -19.26 5.01 18.31
N ASP C 113 -19.79 5.84 17.42
CA ASP C 113 -21.17 6.30 17.58
C ASP C 113 -22.20 5.28 17.06
N LYS C 114 -21.75 4.16 16.48
CA LYS C 114 -22.68 3.16 15.94
C LYS C 114 -22.91 1.92 16.82
N VAL C 115 -21.94 1.53 17.63
CA VAL C 115 -22.10 0.36 18.49
C VAL C 115 -21.76 0.75 19.92
N ARG C 116 -22.22 -0.03 20.89
CA ARG C 116 -21.96 0.30 22.30
C ARG C 116 -20.76 -0.41 22.90
N ASP C 117 -20.41 -1.57 22.35
CA ASP C 117 -19.27 -2.33 22.87
C ASP C 117 -18.72 -3.21 21.75
N TYR C 118 -17.75 -4.05 22.11
CA TYR C 118 -17.12 -4.93 21.17
C TYR C 118 -18.02 -6.07 20.65
N ARG C 119 -19.02 -6.48 21.45
CA ARG C 119 -19.95 -7.52 21.01
C ARG C 119 -20.75 -6.95 19.84
N GLU C 120 -21.24 -5.72 19.99
CA GLU C 120 -21.99 -5.13 18.90
C GLU C 120 -21.02 -4.85 17.74
N ALA C 121 -19.80 -4.39 18.04
CA ALA C 121 -18.82 -4.13 16.97
C ALA C 121 -18.60 -5.38 16.13
N TYR C 122 -18.40 -6.52 16.79
CA TYR C 122 -18.18 -7.79 16.12
C TYR C 122 -19.35 -8.21 15.22
N ASN C 123 -20.57 -8.00 15.72
CA ASN C 123 -21.79 -8.31 14.98
C ASN C 123 -21.85 -7.41 13.74
N LEU C 124 -21.49 -6.13 13.88
CA LEU C 124 -21.51 -5.21 12.73
C LEU C 124 -20.47 -5.71 11.71
N GLY C 125 -19.34 -6.22 12.21
CA GLY C 125 -18.31 -6.76 11.32
C GLY C 125 -18.86 -7.89 10.47
N LEU C 126 -19.60 -8.81 11.10
CA LEU C 126 -20.20 -9.93 10.37
C LEU C 126 -21.20 -9.41 9.36
N GLU C 127 -22.00 -8.42 9.76
CA GLU C 127 -22.99 -7.82 8.85
C GLU C 127 -22.28 -7.26 7.63
N ILE C 128 -21.17 -6.57 7.86
CA ILE C 128 -20.41 -5.99 6.76
C ILE C 128 -19.83 -7.07 5.85
N LYS C 129 -19.20 -8.08 6.44
CA LYS C 129 -18.63 -9.17 5.66
C LYS C 129 -19.75 -9.80 4.81
N ASN C 130 -20.92 -9.99 5.42
CA ASN C 130 -22.03 -10.59 4.66
C ASN C 130 -22.55 -9.71 3.55
N LYS C 131 -22.65 -8.41 3.81
CA LYS C 131 -23.13 -7.50 2.80
C LYS C 131 -22.21 -7.54 1.56
N ILE C 132 -20.90 -7.50 1.80
CA ILE C 132 -19.94 -7.49 0.70
C ILE C 132 -19.96 -8.82 -0.10
N LEU C 133 -20.12 -9.93 0.61
CA LEU C 133 -20.19 -11.25 -0.01
C LEU C 133 -21.50 -11.29 -0.86
N GLU C 134 -22.62 -10.86 -0.28
CA GLU C 134 -23.93 -10.81 -0.96
C GLU C 134 -23.82 -10.01 -2.28
N LYS C 135 -23.33 -8.76 -2.21
CA LYS C 135 -23.23 -7.91 -3.38
C LYS C 135 -22.14 -8.13 -4.40
N GLU C 136 -20.96 -8.51 -3.92
CA GLU C 136 -19.85 -8.64 -4.83
C GLU C 136 -19.13 -9.97 -4.83
N LYS C 137 -19.56 -10.84 -3.95
CA LYS C 137 -19.00 -12.18 -3.76
C LYS C 137 -17.49 -12.11 -3.45
N ILE C 138 -17.12 -11.05 -2.72
CA ILE C 138 -15.73 -10.86 -2.28
C ILE C 138 -15.62 -11.08 -0.78
N THR C 139 -14.66 -11.90 -0.33
CA THR C 139 -14.48 -12.10 1.10
C THR C 139 -13.47 -11.04 1.58
N VAL C 140 -13.63 -10.62 2.83
CA VAL C 140 -12.73 -9.63 3.41
C VAL C 140 -12.44 -10.04 4.86
N THR C 141 -11.40 -9.46 5.46
CA THR C 141 -11.06 -9.73 6.83
C THR C 141 -11.33 -8.44 7.61
N VAL C 142 -11.99 -8.57 8.76
CA VAL C 142 -12.30 -7.41 9.57
C VAL C 142 -11.44 -7.48 10.81
N GLY C 143 -10.88 -6.33 11.22
CA GLY C 143 -10.06 -6.22 12.43
C GLY C 143 -10.75 -5.16 13.27
N ILE C 144 -10.92 -5.41 14.56
CA ILE C 144 -11.60 -4.46 15.40
C ILE C 144 -10.81 -4.20 16.69
N SER C 145 -10.58 -2.93 17.01
CA SER C 145 -9.90 -2.60 18.28
C SER C 145 -10.13 -1.15 18.68
N LYS C 146 -9.34 -0.63 19.64
CA LYS C 146 -9.51 0.73 20.17
C LYS C 146 -8.80 1.81 19.34
N ASN C 147 -7.99 1.42 18.36
CA ASN C 147 -7.33 2.42 17.48
C ASN C 147 -6.97 1.80 16.13
N LYS C 148 -6.52 2.62 15.18
CA LYS C 148 -6.20 2.08 13.83
C LYS C 148 -5.12 1.03 13.79
N VAL C 149 -4.07 1.23 14.57
CA VAL C 149 -2.98 0.31 14.55
C VAL C 149 -3.37 -1.10 14.98
N PHE C 150 -4.04 -1.20 16.12
CA PHE C 150 -4.46 -2.51 16.58
C PHE C 150 -5.58 -3.10 15.77
N ALA C 151 -6.42 -2.26 15.15
CA ALA C 151 -7.47 -2.81 14.29
C ALA C 151 -6.80 -3.49 13.10
N LYS C 152 -5.74 -2.86 12.61
CA LYS C 152 -5.03 -3.45 11.49
C LYS C 152 -4.33 -4.75 11.91
N ILE C 153 -3.68 -4.72 13.08
CA ILE C 153 -3.00 -5.92 13.60
C ILE C 153 -4.02 -7.02 13.74
N ALA C 154 -5.23 -6.72 14.19
CA ALA C 154 -6.29 -7.76 14.32
C ALA C 154 -6.54 -8.42 12.96
N ALA C 155 -6.64 -7.59 11.91
CA ALA C 155 -6.87 -8.13 10.57
C ALA C 155 -5.70 -8.98 10.14
N ASP C 156 -4.48 -8.51 10.40
CA ASP C 156 -3.30 -9.29 10.01
C ASP C 156 -3.37 -10.67 10.68
N MSE C 157 -3.88 -10.70 11.91
CA MSE C 157 -3.95 -11.97 12.62
C MSE C 157 -5.00 -12.92 12.11
O MSE C 157 -4.84 -14.14 12.23
CB MSE C 157 -4.26 -11.71 14.10
CG MSE C 157 -3.03 -11.20 14.80
SE MSE C 157 -3.37 -10.62 16.65
CE MSE C 157 -4.99 -9.71 16.51
N ALA C 158 -6.07 -12.37 11.55
CA ALA C 158 -7.20 -13.18 11.18
C ALA C 158 -7.36 -13.47 9.71
N LYS C 159 -6.66 -12.73 8.84
CA LYS C 159 -6.85 -12.97 7.40
C LYS C 159 -6.36 -14.35 6.98
N PRO C 160 -6.97 -14.94 5.94
CA PRO C 160 -8.08 -14.38 5.13
C PRO C 160 -9.46 -14.81 5.65
N ASN C 161 -10.47 -14.16 5.11
CA ASN C 161 -11.86 -14.40 5.47
C ASN C 161 -12.03 -14.50 6.99
N GLY C 162 -11.48 -13.54 7.74
CA GLY C 162 -11.62 -13.60 9.19
C GLY C 162 -12.25 -12.38 9.82
N ILE C 163 -12.38 -12.44 11.13
CA ILE C 163 -12.93 -11.33 11.90
C ILE C 163 -12.33 -11.52 13.28
N LYS C 164 -11.81 -10.42 13.82
CA LYS C 164 -11.18 -10.47 15.10
C LYS C 164 -11.19 -9.17 15.86
N VAL C 165 -11.47 -9.32 17.16
CA VAL C 165 -11.51 -8.18 18.06
C VAL C 165 -10.32 -8.26 19.00
N ILE C 166 -9.59 -7.16 19.17
CA ILE C 166 -8.46 -7.15 20.09
C ILE C 166 -8.91 -6.19 21.17
N ASP C 167 -9.48 -6.75 22.26
CA ASP C 167 -10.00 -5.90 23.33
C ASP C 167 -8.92 -5.24 24.16
N ASP C 168 -9.32 -4.43 25.15
CA ASP C 168 -8.32 -3.73 25.92
C ASP C 168 -7.31 -4.62 26.63
N GLU C 169 -7.76 -5.80 27.07
CA GLU C 169 -6.86 -6.68 27.77
C GLU C 169 -5.86 -7.26 26.79
N GLU C 170 -6.31 -7.59 25.59
CA GLU C 170 -5.38 -8.17 24.63
C GLU C 170 -4.40 -7.14 24.10
N VAL C 171 -4.84 -5.90 24.01
CA VAL C 171 -3.93 -4.85 23.60
C VAL C 171 -2.76 -4.82 24.58
N LYS C 172 -3.06 -4.91 25.87
CA LYS C 172 -2.00 -4.89 26.89
C LYS C 172 -1.08 -6.10 26.72
N ARG C 173 -1.66 -7.24 26.39
CA ARG C 173 -0.88 -8.46 26.20
C ARG C 173 0.03 -8.28 24.98
N LEU C 174 -0.53 -7.74 23.89
CA LEU C 174 0.27 -7.57 22.66
C LEU C 174 1.41 -6.60 22.86
N ILE C 175 1.19 -5.54 23.64
CA ILE C 175 2.24 -4.59 23.92
C ILE C 175 3.42 -5.35 24.54
N ARG C 176 3.11 -6.40 25.31
CA ARG C 176 4.20 -7.18 25.90
C ARG C 176 4.71 -8.31 25.00
N GLU C 177 3.82 -8.94 24.25
CA GLU C 177 4.23 -10.11 23.49
C GLU C 177 4.38 -10.06 21.96
N LEU C 178 3.72 -9.08 21.34
CA LEU C 178 3.83 -8.95 19.89
C LEU C 178 5.23 -8.56 19.41
N ASP C 179 5.77 -9.33 18.49
CA ASP C 179 7.08 -9.05 17.92
C ASP C 179 6.95 -7.61 17.34
N ILE C 180 7.86 -6.71 17.68
CA ILE C 180 7.75 -5.33 17.26
C ILE C 180 7.87 -5.15 15.73
N ALA C 181 8.51 -6.12 15.06
CA ALA C 181 8.62 -6.07 13.60
C ALA C 181 7.24 -6.20 12.97
N ASP C 182 6.25 -6.73 13.69
CA ASP C 182 4.91 -6.86 13.15
C ASP C 182 4.04 -5.62 13.39
N VAL C 183 4.62 -4.58 13.97
CA VAL C 183 3.86 -3.36 14.17
C VAL C 183 3.86 -2.56 12.83
N PRO C 184 2.67 -2.12 12.37
CA PRO C 184 2.57 -1.34 11.11
C PRO C 184 3.59 -0.19 11.15
N GLY C 185 4.31 0.05 10.05
CA GLY C 185 5.30 1.13 10.01
C GLY C 185 6.73 0.72 10.33
N ILE C 186 6.93 -0.52 10.76
CA ILE C 186 8.27 -1.01 11.11
C ILE C 186 8.70 -2.03 10.04
N GLY C 187 9.58 -1.57 9.12
CA GLY C 187 10.01 -2.45 8.04
C GLY C 187 11.31 -3.14 8.45
N ASN C 188 11.98 -3.81 7.50
CA ASN C 188 13.20 -4.50 7.86
C ASN C 188 14.32 -3.60 8.40
N ILE C 189 14.47 -2.39 7.85
CA ILE C 189 15.52 -1.51 8.30
C ILE C 189 15.32 -1.03 9.75
N THR C 190 14.09 -0.65 10.09
CA THR C 190 13.82 -0.20 11.44
C THR C 190 13.89 -1.39 12.39
N ALA C 191 13.34 -2.53 11.98
CA ALA C 191 13.34 -3.73 12.80
C ALA C 191 14.76 -4.14 13.20
N GLU C 192 15.70 -3.97 12.28
CA GLU C 192 17.10 -4.33 12.53
C GLU C 192 17.69 -3.36 13.53
N LYS C 193 17.44 -2.06 13.33
CA LYS C 193 17.96 -1.08 14.28
C LYS C 193 17.38 -1.30 15.68
N LEU C 194 16.14 -1.79 15.78
CA LEU C 194 15.54 -2.03 17.07
C LEU C 194 16.09 -3.32 17.72
N LYS C 195 16.31 -4.35 16.89
CA LYS C 195 16.82 -5.65 17.38
C LYS C 195 18.14 -5.35 18.03
N LYS C 196 18.85 -4.45 17.38
CA LYS C 196 20.15 -4.06 17.82
C LYS C 196 20.14 -3.28 19.11
N LEU C 197 18.96 -2.90 19.60
CA LEU C 197 18.93 -2.12 20.81
C LEU C 197 18.32 -2.99 21.87
N GLY C 198 18.05 -4.22 21.51
CA GLY C 198 17.43 -5.17 22.41
C GLY C 198 15.92 -5.02 22.49
N ILE C 199 15.36 -4.21 21.59
CA ILE C 199 13.93 -3.93 21.54
C ILE C 199 13.22 -4.93 20.64
N ASN C 200 12.48 -5.86 21.24
CA ASN C 200 11.77 -6.87 20.47
C ASN C 200 10.26 -6.75 20.68
N LYS C 201 9.87 -5.94 21.64
CA LYS C 201 8.47 -5.78 21.93
C LYS C 201 8.20 -4.30 22.21
N LEU C 202 6.95 -3.88 21.97
CA LEU C 202 6.61 -2.48 22.21
C LEU C 202 7.00 -2.06 23.61
N VAL C 203 6.65 -2.90 24.58
CA VAL C 203 6.96 -2.59 25.98
C VAL C 203 8.40 -2.18 26.21
N ASP C 204 9.31 -2.78 25.47
CA ASP C 204 10.73 -2.45 25.60
C ASP C 204 11.09 -0.99 25.31
N THR C 205 10.28 -0.24 24.52
CA THR C 205 10.63 1.16 24.21
C THR C 205 10.39 2.05 25.42
N LEU C 206 9.75 1.52 26.43
CA LEU C 206 9.49 2.34 27.61
C LEU C 206 10.67 2.42 28.58
N SER C 207 11.63 1.51 28.43
CA SER C 207 12.77 1.46 29.34
C SER C 207 14.10 1.87 28.73
N ILE C 208 14.08 2.33 27.49
CA ILE C 208 15.31 2.77 26.83
C ILE C 208 15.30 4.29 26.90
N GLU C 209 16.47 4.91 26.96
CA GLU C 209 16.54 6.35 27.03
C GLU C 209 15.94 6.89 25.72
N PHE C 210 14.97 7.79 25.83
CA PHE C 210 14.33 8.31 24.65
C PHE C 210 15.33 8.79 23.60
N ASP C 211 16.35 9.52 24.02
CA ASP C 211 17.31 10.01 23.03
C ASP C 211 18.05 8.95 22.28
N LYS C 212 18.25 7.81 22.91
CA LYS C 212 18.93 6.69 22.29
C LYS C 212 18.00 6.06 21.23
N LEU C 213 16.71 6.00 21.54
CA LEU C 213 15.74 5.44 20.60
C LEU C 213 15.64 6.39 19.43
N LYS C 214 15.44 7.67 19.72
CA LYS C 214 15.32 8.67 18.69
C LYS C 214 16.53 8.77 17.81
N GLY C 215 17.72 8.62 18.39
CA GLY C 215 18.95 8.72 17.60
C GLY C 215 19.12 7.61 16.59
N MSE C 216 18.54 6.46 16.88
N MSE C 216 18.52 6.47 16.88
CA MSE C 216 18.62 5.31 16.00
CA MSE C 216 18.60 5.28 16.08
C MSE C 216 17.48 5.26 14.97
C MSE C 216 17.50 5.23 15.00
O MSE C 216 17.72 4.95 13.79
O MSE C 216 17.81 4.99 13.84
CB MSE C 216 18.60 4.04 16.86
CB MSE C 216 18.52 4.07 16.99
CG MSE C 216 18.78 2.70 16.08
CG MSE C 216 19.10 2.82 16.40
SE MSE C 216 20.63 2.30 15.47
SE MSE C 216 20.82 3.16 15.46
CE MSE C 216 21.51 4.00 16.06
CE MSE C 216 21.62 4.45 16.55
N ILE C 217 16.25 5.52 15.37
CA ILE C 217 15.15 5.44 14.41
C ILE C 217 14.42 6.74 14.03
N GLY C 218 14.83 7.86 14.60
CA GLY C 218 14.16 9.12 14.30
C GLY C 218 13.10 9.47 15.34
N GLU C 219 12.86 10.74 15.50
CA GLU C 219 11.91 11.23 16.47
C GLU C 219 10.47 10.73 16.24
N ALA C 220 9.96 10.87 15.02
CA ALA C 220 8.59 10.42 14.77
C ALA C 220 8.37 8.95 15.04
N LYS C 221 9.26 8.06 14.60
CA LYS C 221 9.01 6.64 14.82
C LYS C 221 9.14 6.29 16.32
N ALA C 222 10.03 6.96 17.03
CA ALA C 222 10.22 6.72 18.46
C ALA C 222 8.96 7.15 19.20
N LYS C 223 8.45 8.33 18.88
CA LYS C 223 7.23 8.83 19.58
C LYS C 223 6.03 7.94 19.28
N TYR C 224 5.95 7.48 18.03
CA TYR C 224 4.91 6.56 17.60
C TYR C 224 4.95 5.26 18.42
N LEU C 225 6.11 4.60 18.45
CA LEU C 225 6.19 3.33 19.16
C LEU C 225 5.94 3.52 20.67
N ILE C 226 6.48 4.59 21.23
CA ILE C 226 6.27 4.85 22.67
C ILE C 226 4.78 5.10 22.95
N SER C 227 4.11 5.84 22.07
CA SER C 227 2.67 6.10 22.31
C SER C 227 1.88 4.80 22.24
N LEU C 228 2.30 3.84 21.38
CA LEU C 228 1.58 2.58 21.31
C LEU C 228 1.84 1.80 22.59
N ALA C 229 3.09 1.80 23.04
CA ALA C 229 3.51 1.01 24.22
C ALA C 229 2.84 1.52 25.49
N ARG C 230 2.55 2.83 25.53
CA ARG C 230 1.86 3.43 26.69
C ARG C 230 0.38 3.32 26.53
N ASP C 231 -0.05 2.72 25.43
CA ASP C 231 -1.46 2.60 25.17
C ASP C 231 -2.11 4.01 25.12
N GLU C 232 -1.42 4.96 24.49
CA GLU C 232 -1.88 6.32 24.31
C GLU C 232 -1.95 6.77 22.84
N TYR C 233 -1.79 5.82 21.92
CA TYR C 233 -1.84 6.16 20.51
C TYR C 233 -3.24 6.65 20.16
N ASN C 234 -3.33 7.83 19.57
CA ASN C 234 -4.61 8.38 19.14
C ASN C 234 -4.35 9.04 17.77
N GLU C 235 -5.05 8.52 16.78
CA GLU C 235 -4.98 9.05 15.42
C GLU C 235 -6.39 8.91 14.93
N PRO C 236 -7.04 10.02 14.63
CA PRO C 236 -8.42 9.95 14.15
C PRO C 236 -8.58 9.35 12.76
N ILE C 237 -9.77 8.84 12.49
CA ILE C 237 -10.07 8.28 11.17
C ILE C 237 -10.35 9.56 10.37
N ARG C 238 -9.67 9.78 9.25
CA ARG C 238 -9.95 10.98 8.48
C ARG C 238 -10.08 10.66 7.00
N THR C 239 -10.98 11.38 6.35
CA THR C 239 -11.23 11.21 4.92
C THR C 239 -9.91 11.45 4.25
N ARG C 240 -9.50 10.54 3.37
CA ARG C 240 -8.24 10.79 2.72
C ARG C 240 -8.42 11.50 1.40
N VAL C 241 -7.49 12.36 1.10
CA VAL C 241 -7.55 13.11 -0.15
C VAL C 241 -6.19 12.85 -0.79
N ARG C 242 -6.22 12.35 -2.00
CA ARG C 242 -4.98 12.02 -2.69
C ARG C 242 -4.12 13.29 -2.80
N LYS C 243 -2.82 13.17 -2.53
CA LYS C 243 -1.92 14.30 -2.60
C LYS C 243 -0.97 14.23 -3.81
N SER C 244 -0.92 13.08 -4.48
CA SER C 244 -0.05 12.98 -5.64
C SER C 244 -0.61 11.92 -6.55
N ILE C 245 -0.35 12.06 -7.85
CA ILE C 245 -0.82 11.09 -8.84
C ILE C 245 0.31 10.98 -9.84
N GLY C 246 0.63 9.77 -10.22
CA GLY C 246 1.73 9.61 -11.15
C GLY C 246 1.78 8.30 -11.87
N ARG C 247 2.83 8.10 -12.67
CA ARG C 247 3.03 6.87 -13.47
C ARG C 247 4.53 6.68 -13.72
N ILE C 248 5.07 5.48 -13.49
CA ILE C 248 6.49 5.21 -13.73
C ILE C 248 6.53 3.88 -14.55
N VAL C 249 7.29 3.83 -15.64
CA VAL C 249 7.31 2.64 -16.49
C VAL C 249 8.72 2.10 -16.61
N THR C 250 8.85 0.86 -17.04
CA THR C 250 10.17 0.27 -17.17
C THR C 250 10.63 0.36 -18.61
N MSE C 251 11.88 0.73 -18.85
CA MSE C 251 12.30 0.81 -20.23
C MSE C 251 12.78 -0.56 -20.72
O MSE C 251 13.20 -1.39 -19.92
CB MSE C 251 13.39 1.85 -20.39
CG MSE C 251 12.85 3.20 -19.90
SE MSE C 251 14.07 4.61 -20.26
CE MSE C 251 15.62 4.12 -19.29
N LYS C 252 12.67 -0.76 -22.01
CA LYS C 252 13.08 -2.02 -22.65
C LYS C 252 14.52 -2.32 -22.25
N ARG C 253 15.36 -1.29 -22.30
CA ARG C 253 16.74 -1.41 -21.91
C ARG C 253 17.17 -0.14 -21.17
N ASN C 254 18.13 -0.27 -20.26
CA ASN C 254 18.65 0.85 -19.49
C ASN C 254 19.28 1.84 -20.42
N SER C 255 19.25 3.13 -20.06
CA SER C 255 19.81 4.14 -20.92
C SER C 255 20.01 5.46 -20.18
N ARG C 256 20.86 6.31 -20.74
CA ARG C 256 21.00 7.66 -20.20
C ARG C 256 21.04 8.60 -21.41
N ASN C 257 20.40 8.13 -22.48
CA ASN C 257 20.29 8.88 -23.74
C ASN C 257 18.94 9.58 -23.71
N LEU C 258 18.97 10.90 -23.66
CA LEU C 258 17.77 11.68 -23.61
C LEU C 258 16.70 11.32 -24.66
N GLU C 259 17.11 11.18 -25.91
CA GLU C 259 16.10 10.88 -26.92
C GLU C 259 15.51 9.51 -26.77
N GLU C 260 16.29 8.56 -26.28
CA GLU C 260 15.78 7.22 -26.07
C GLU C 260 14.81 7.17 -24.85
N ILE C 261 15.07 8.00 -23.83
CA ILE C 261 14.22 8.05 -22.65
C ILE C 261 12.90 8.82 -22.84
N LYS C 262 12.93 9.90 -23.61
CA LYS C 262 11.74 10.72 -23.85
C LYS C 262 10.41 10.05 -24.14
N PRO C 263 10.35 9.09 -25.07
CA PRO C 263 9.05 8.45 -25.36
C PRO C 263 8.39 7.81 -24.13
N TYR C 264 9.21 7.21 -23.28
CA TYR C 264 8.69 6.60 -22.06
C TYR C 264 8.21 7.70 -21.11
N LEU C 265 9.03 8.74 -20.96
CA LEU C 265 8.67 9.86 -20.09
C LEU C 265 7.35 10.48 -20.58
N PHE C 266 7.27 10.72 -21.90
CA PHE C 266 6.01 11.28 -22.42
C PHE C 266 4.81 10.35 -22.26
N ARG C 267 5.00 9.03 -22.43
CA ARG C 267 3.85 8.12 -22.23
C ARG C 267 3.42 8.20 -20.76
N ALA C 268 4.39 8.36 -19.84
CA ALA C 268 4.06 8.45 -18.41
C ALA C 268 3.26 9.74 -18.14
N ILE C 269 3.59 10.80 -18.85
CA ILE C 269 2.85 12.06 -18.68
C ILE C 269 1.42 11.89 -19.20
N GLU C 270 1.28 11.31 -20.40
CA GLU C 270 -0.07 11.08 -20.94
C GLU C 270 -0.94 10.28 -19.98
N GLU C 271 -0.40 9.20 -19.42
CA GLU C 271 -1.21 8.40 -18.51
C GLU C 271 -1.52 9.12 -17.22
N SER C 272 -0.53 9.84 -16.69
CA SER C 272 -0.74 10.62 -15.49
C SER C 272 -1.86 11.65 -15.69
N TYR C 273 -1.84 12.35 -16.83
CA TYR C 273 -2.88 13.35 -17.07
C TYR C 273 -4.26 12.75 -17.14
N TYR C 274 -4.34 11.58 -17.73
CA TYR C 274 -5.60 10.89 -17.80
C TYR C 274 -6.06 10.61 -16.35
N LYS C 275 -5.16 10.12 -15.50
CA LYS C 275 -5.52 9.84 -14.11
C LYS C 275 -5.89 11.08 -13.30
N LEU C 276 -5.30 12.23 -13.61
CA LEU C 276 -5.59 13.45 -12.85
C LEU C 276 -7.07 13.82 -12.94
N ASP C 277 -7.65 13.53 -14.09
CA ASP C 277 -9.06 13.83 -14.34
C ASP C 277 -9.60 15.09 -13.64
N LYS C 278 -9.30 16.25 -14.20
CA LYS C 278 -9.79 17.51 -13.63
C LYS C 278 -8.96 18.06 -12.50
N ARG C 279 -8.12 17.26 -11.84
CA ARG C 279 -7.30 17.83 -10.77
C ARG C 279 -6.20 18.58 -11.49
N ILE C 280 -5.84 19.76 -11.00
CA ILE C 280 -4.80 20.53 -11.68
C ILE C 280 -3.62 20.66 -10.73
N PRO C 281 -2.49 20.04 -11.10
CA PRO C 281 -1.30 20.08 -10.26
C PRO C 281 -0.46 21.33 -10.40
N LYS C 282 0.19 21.79 -9.32
CA LYS C 282 1.08 22.95 -9.42
C LYS C 282 2.49 22.45 -9.37
N ALA C 283 2.68 21.16 -9.09
CA ALA C 283 4.03 20.61 -9.03
C ALA C 283 4.20 19.34 -9.88
N ILE C 284 5.40 19.18 -10.38
CA ILE C 284 5.71 18.02 -11.19
C ILE C 284 7.10 17.50 -10.79
N HIS C 285 7.26 16.19 -10.68
CA HIS C 285 8.55 15.64 -10.34
C HIS C 285 8.81 14.54 -11.34
N VAL C 286 10.05 14.48 -11.80
CA VAL C 286 10.44 13.40 -12.67
C VAL C 286 11.19 12.46 -11.75
N VAL C 287 10.83 11.19 -11.83
CA VAL C 287 11.39 10.13 -10.98
C VAL C 287 12.08 9.10 -11.83
N ALA C 288 13.35 8.83 -11.50
CA ALA C 288 14.07 7.79 -12.21
C ALA C 288 14.54 6.70 -11.23
N VAL C 289 14.44 5.44 -11.67
CA VAL C 289 15.00 4.32 -10.90
C VAL C 289 16.25 3.99 -11.74
N THR C 290 17.41 4.06 -11.11
CA THR C 290 18.69 3.79 -11.76
C THR C 290 18.91 2.28 -11.92
N GLU C 291 19.91 1.92 -12.73
CA GLU C 291 20.26 0.51 -13.05
C GLU C 291 20.51 -0.27 -11.79
N ASP C 292 21.10 0.38 -10.80
CA ASP C 292 21.38 -0.32 -9.57
C ASP C 292 20.20 -0.25 -8.60
N LEU C 293 19.05 0.16 -9.12
CA LEU C 293 17.80 0.28 -8.38
C LEU C 293 17.57 1.41 -7.35
N ASP C 294 18.44 2.41 -7.34
CA ASP C 294 18.26 3.58 -6.47
C ASP C 294 17.16 4.45 -7.12
N ILE C 295 16.55 5.35 -6.35
CA ILE C 295 15.51 6.23 -6.86
C ILE C 295 16.06 7.65 -6.81
N VAL C 296 16.03 8.36 -7.94
CA VAL C 296 16.49 9.76 -8.01
C VAL C 296 15.34 10.66 -8.53
N SER C 297 15.17 11.86 -8.00
CA SER C 297 14.08 12.67 -8.54
C SER C 297 14.36 14.13 -8.52
N ARG C 298 13.76 14.86 -9.46
CA ARG C 298 13.89 16.31 -9.54
C ARG C 298 12.52 16.91 -9.84
N GLY C 299 12.13 17.94 -9.10
CA GLY C 299 10.84 18.50 -9.36
C GLY C 299 10.80 20.01 -9.42
N ARG C 300 9.66 20.53 -9.78
CA ARG C 300 9.49 21.97 -9.83
C ARG C 300 8.06 22.30 -9.45
N THR C 301 7.91 23.35 -8.64
CA THR C 301 6.58 23.82 -8.27
C THR C 301 6.35 25.16 -8.95
N PHE C 302 5.19 25.31 -9.58
CA PHE C 302 4.84 26.57 -10.23
C PHE C 302 3.82 27.32 -9.39
N PRO C 303 3.69 28.64 -9.64
CA PRO C 303 2.70 29.42 -8.88
C PRO C 303 1.33 29.22 -9.51
N HIS C 304 1.21 28.37 -10.52
CA HIS C 304 -0.07 28.13 -11.17
C HIS C 304 -0.12 26.67 -11.61
N GLY C 305 -1.28 26.22 -12.08
CA GLY C 305 -1.48 24.85 -12.57
C GLY C 305 -0.56 24.57 -13.76
N ILE C 306 -0.27 23.28 -13.93
CA ILE C 306 0.61 22.86 -15.02
C ILE C 306 -0.21 22.28 -16.15
N SER C 307 -0.19 22.92 -17.32
CA SER C 307 -0.93 22.37 -18.47
C SER C 307 -0.12 21.17 -19.02
N LYS C 308 -0.74 20.36 -19.85
CA LYS C 308 -0.03 19.19 -20.34
C LYS C 308 1.21 19.60 -21.10
N GLU C 309 1.12 20.69 -21.85
CA GLU C 309 2.26 21.15 -22.65
C GLU C 309 3.43 21.61 -21.76
N THR C 310 3.11 22.27 -20.66
CA THR C 310 4.12 22.69 -19.74
C THR C 310 4.70 21.43 -19.07
N ALA C 311 3.87 20.40 -18.85
CA ALA C 311 4.38 19.16 -18.23
C ALA C 311 5.42 18.55 -19.16
N TYR C 312 5.11 18.49 -20.45
CA TYR C 312 6.09 17.96 -21.41
C TYR C 312 7.37 18.74 -21.42
N SER C 313 7.31 20.07 -21.49
CA SER C 313 8.59 20.76 -21.56
C SER C 313 9.34 20.75 -20.22
N GLU C 314 8.63 20.92 -19.10
CA GLU C 314 9.37 20.88 -17.85
C GLU C 314 9.95 19.50 -17.51
N SER C 315 9.24 18.43 -17.87
CA SER C 315 9.76 17.09 -17.56
C SER C 315 11.09 16.89 -18.24
N VAL C 316 11.25 17.43 -19.44
CA VAL C 316 12.55 17.25 -20.12
C VAL C 316 13.63 18.01 -19.40
N LYS C 317 13.36 19.23 -18.94
CA LYS C 317 14.41 19.92 -18.20
C LYS C 317 14.76 19.19 -16.90
N LEU C 318 13.73 18.61 -16.25
CA LEU C 318 14.03 17.91 -14.99
C LEU C 318 14.80 16.61 -15.26
N LEU C 319 14.40 15.90 -16.31
CA LEU C 319 15.12 14.69 -16.65
C LEU C 319 16.58 15.09 -16.96
N GLN C 320 16.80 16.18 -17.67
CA GLN C 320 18.19 16.59 -17.94
C GLN C 320 18.97 16.83 -16.65
N LYS C 321 18.30 17.42 -15.65
CA LYS C 321 18.97 17.68 -14.39
C LYS C 321 19.42 16.35 -13.83
N ILE C 322 18.59 15.33 -13.93
CA ILE C 322 18.92 14.03 -13.36
C ILE C 322 20.15 13.47 -14.08
N LEU C 323 20.13 13.58 -15.41
CA LEU C 323 21.22 13.07 -16.24
C LEU C 323 22.50 13.87 -16.00
N GLU C 324 22.37 15.19 -15.83
CA GLU C 324 23.51 16.06 -15.58
C GLU C 324 24.09 15.84 -14.18
N GLU C 325 23.27 15.41 -13.23
CA GLU C 325 23.74 15.25 -11.85
C GLU C 325 23.96 13.85 -11.35
N ASP C 326 23.63 12.85 -12.16
CA ASP C 326 23.81 11.46 -11.76
C ASP C 326 24.41 10.78 -12.99
N GLU C 327 25.45 9.99 -12.80
CA GLU C 327 26.08 9.38 -13.96
C GLU C 327 25.60 7.98 -14.32
N ARG C 328 24.74 7.41 -13.50
CA ARG C 328 24.22 6.09 -13.76
C ARG C 328 23.21 6.00 -14.90
N LYS C 329 23.01 4.79 -15.39
CA LYS C 329 22.02 4.53 -16.43
C LYS C 329 20.67 4.43 -15.77
N ILE C 330 19.63 4.76 -16.52
CA ILE C 330 18.28 4.69 -15.99
C ILE C 330 17.55 3.43 -16.43
N ARG C 331 16.85 2.80 -15.47
CA ARG C 331 16.05 1.58 -15.73
C ARG C 331 14.54 1.89 -15.83
N ARG C 332 14.01 2.73 -14.95
CA ARG C 332 12.57 3.07 -15.00
C ARG C 332 12.50 4.57 -14.95
N ILE C 333 11.51 5.12 -15.60
CA ILE C 333 11.35 6.57 -15.67
C ILE C 333 9.87 6.91 -15.53
N GLY C 334 9.59 8.03 -14.88
CA GLY C 334 8.19 8.43 -14.74
C GLY C 334 8.02 9.82 -14.18
N VAL C 335 6.78 10.16 -13.82
CA VAL C 335 6.48 11.51 -13.34
C VAL C 335 5.47 11.38 -12.23
N ARG C 336 5.41 12.38 -11.37
CA ARG C 336 4.46 12.40 -10.29
C ARG C 336 3.97 13.84 -10.22
N PHE C 337 2.67 14.03 -10.11
CA PHE C 337 2.14 15.38 -10.04
C PHE C 337 1.55 15.56 -8.66
N SER C 338 1.70 16.75 -8.11
CA SER C 338 1.19 17.03 -6.76
C SER C 338 0.80 18.51 -6.58
N LYS C 339 0.46 18.92 -5.34
CA LYS C 339 0.04 20.29 -5.05
C LYS C 339 -1.13 20.71 -5.93
N PHE C 340 -2.25 20.03 -5.76
CA PHE C 340 -3.43 20.28 -6.58
C PHE C 340 -4.11 21.58 -6.25
N ILE C 341 -4.69 22.23 -7.24
CA ILE C 341 -5.40 23.47 -6.94
C ILE C 341 -6.72 23.07 -6.30
CA CA D . -5.81 -7.20 1.41
MG MG E . 7.31 -5.40 9.58
PB ADI F . -2.71 -8.94 1.81
O1B ADI F . -4.01 -8.30 2.32
O2B ADI F . -1.45 -8.72 2.51
O3B ADI F . -3.15 -10.40 1.63
PA ADI F . -3.47 -8.25 -0.93
O1A ADI F . -4.91 -8.18 -0.39
O2A ADI F . -3.06 -9.31 -1.87
O3A ADI F . -2.59 -8.18 0.42
O5' ADI F . -3.00 -6.84 -1.54
C5' ADI F . -3.88 -5.72 -1.77
C4' ADI F . -3.44 -5.06 -3.08
O4' ADI F . -2.16 -4.53 -2.65
C3' ADI F . -3.18 -6.19 -4.09
C2' ADI F . -1.93 -5.59 -4.70
C1' ADI F . -1.25 -4.67 -3.72
N9 ADI F . 0.14 -5.09 -3.43
C8 ADI F . 0.65 -5.69 -2.29
N7 ADI F . 1.95 -5.85 -2.34
C5 ADI F . 2.30 -5.37 -3.59
C6 ADI F . 3.55 -5.28 -4.27
N6 ADI F . 4.69 -5.73 -3.77
N1 ADI F . 3.53 -4.71 -5.52
C2 ADI F . 2.38 -4.27 -6.08
N3 ADI F . 1.16 -4.33 -5.57
C4 ADI F . 1.21 -4.89 -4.29
#